data_3F83
#
_entry.id   3F83
#
_cell.length_a   66.914
_cell.length_b   45.405
_cell.length_c   128.473
_cell.angle_alpha   90.00
_cell.angle_beta   97.40
_cell.angle_gamma   90.00
#
_symmetry.space_group_name_H-M   'P 1 21 1'
#
loop_
_entity.id
_entity.type
_entity.pdbx_description
1 polymer 'Fusion of the minor pilin CfaE and major pilin CfaB'
2 non-polymer 'SODIUM ION'
3 non-polymer 'SULFATE ION'
4 water water
#
_entity_poly.entity_id   1
_entity_poly.type   'polypeptide(L)'
_entity_poly.pdbx_seq_one_letter_code
;ADKNPGSENMTNTIGPHDRGGSSPIYNILNSYLTAYNGSHHLYDRMSFLCLSSQNTLNGACPSSDAPGTATIDGETNITL
QFTEKRSLIKRELQIKGYKQFLFKNANCPSKLALNSSHFQCNREQASGATLSLYIPAGELNKLPFGGVWNAVLKLNVKRR
YDTTYGTYTINITVNLTDKGNIQIWLPQFKSNARVDLNLRPTGGGTYIGRNSVDMCFYDGYSTNSSSLEIRFQDDNSKSD
GKFYLKKINDDSKELVYTLSLLLAGKNLTPTNGQALNINTASLETNWNRITAVTMPEISVPVLCWPGRLQLDAKVKNPEA
GQYMGNIKITFTPSSQTLDNKQVEKNITVTASVDPVIDLLQADGNALPSAVKLAYSPASKTFESYRVMTQVHTNDATKKV
IVKLADTPQLTDVLNSTVQMPISVSWGGQVLSTTAKEFEAAALGYSASGVNGVSSSQELVISAAPSTAGTAPTAGNYSGV
VSLVMTLGSDNKQVEKNITVTASVDPVIDLLLEHHHHHH
;
_entity_poly.pdbx_strand_id   A
#
loop_
_chem_comp.id
_chem_comp.type
_chem_comp.name
_chem_comp.formula
NA non-polymer 'SODIUM ION' 'Na 1'
SO4 non-polymer 'SULFATE ION' 'O4 S -2'
#
# COMPACT_ATOMS: atom_id res chain seq x y z
N ALA A 1 18.49 -40.59 42.97
CA ALA A 1 19.40 -41.65 43.45
C ALA A 1 20.58 -41.75 42.51
N ASP A 2 20.92 -42.97 42.09
CA ASP A 2 22.00 -43.19 41.16
C ASP A 2 21.53 -42.82 39.77
N LYS A 3 22.46 -42.38 38.93
CA LYS A 3 22.13 -42.07 37.55
C LYS A 3 23.27 -42.37 36.59
N ASN A 4 22.98 -43.14 35.56
CA ASN A 4 23.99 -43.43 34.56
C ASN A 4 23.88 -42.40 33.44
N PRO A 5 25.02 -41.83 33.02
CA PRO A 5 25.03 -40.83 31.94
C PRO A 5 24.52 -41.37 30.59
N GLY A 6 23.93 -40.52 29.79
CA GLY A 6 23.43 -40.92 28.49
C GLY A 6 22.97 -39.70 27.68
N SER A 7 22.54 -39.93 26.47
CA SER A 7 22.03 -38.89 25.66
C SER A 7 20.73 -38.33 26.19
N GLU A 8 20.62 -37.00 26.16
CA GLU A 8 19.37 -36.34 26.54
C GLU A 8 19.01 -35.31 25.51
N ASN A 9 17.71 -35.16 25.32
CA ASN A 9 17.13 -34.16 24.43
C ASN A 9 16.30 -33.20 25.25
N MET A 10 16.61 -31.92 25.17
CA MET A 10 15.89 -30.95 25.97
C MET A 10 15.49 -29.79 25.10
N THR A 11 14.63 -28.94 25.65
CA THR A 11 14.02 -27.84 24.94
C THR A 11 13.91 -26.65 25.87
N ASN A 12 14.26 -25.47 25.38
CA ASN A 12 14.08 -24.26 26.15
C ASN A 12 13.37 -23.26 25.27
N THR A 13 12.47 -22.50 25.86
CA THR A 13 11.77 -21.50 25.13
C THR A 13 11.93 -20.23 25.96
N ILE A 14 12.61 -19.27 25.38
CA ILE A 14 12.96 -18.03 26.02
C ILE A 14 12.01 -16.94 25.50
N GLY A 15 11.48 -16.12 26.41
CA GLY A 15 10.60 -15.02 26.01
C GLY A 15 9.13 -15.32 26.15
N PRO A 16 8.28 -14.62 25.39
CA PRO A 16 8.71 -13.57 24.43
C PRO A 16 9.43 -12.42 25.13
N HIS A 17 10.49 -11.93 24.49
CA HIS A 17 11.21 -10.81 25.04
C HIS A 17 11.18 -9.73 24.01
N ASP A 18 11.02 -8.49 24.42
CA ASP A 18 10.94 -7.42 23.46
C ASP A 18 12.27 -6.72 23.29
N ARG A 19 12.63 -6.41 22.05
CA ARG A 19 13.91 -5.74 21.77
C ARG A 19 14.01 -4.40 22.43
N GLY A 20 12.87 -3.85 22.82
CA GLY A 20 12.85 -2.55 23.48
C GLY A 20 13.57 -2.50 24.82
N GLY A 21 13.81 -3.64 25.43
CA GLY A 21 14.50 -3.68 26.71
C GLY A 21 15.72 -4.58 26.66
N SER A 22 16.70 -4.31 27.54
CA SER A 22 17.93 -5.13 27.60
C SER A 22 17.58 -6.52 28.17
N SER A 23 18.07 -7.58 27.56
CA SER A 23 17.68 -8.94 28.03
C SER A 23 18.32 -9.39 29.35
N PRO A 24 17.57 -10.12 30.18
CA PRO A 24 18.11 -10.58 31.47
C PRO A 24 18.81 -11.92 31.34
N ILE A 25 19.44 -12.38 32.38
CA ILE A 25 20.04 -13.72 32.34
C ILE A 25 18.92 -14.78 32.17
N TYR A 26 19.14 -15.77 31.31
CA TYR A 26 18.20 -16.89 31.14
C TYR A 26 18.90 -18.19 31.53
N ASN A 27 18.37 -18.87 32.53
CA ASN A 27 18.93 -20.14 32.92
C ASN A 27 18.47 -21.23 31.91
N ILE A 28 19.38 -22.11 31.47
CA ILE A 28 19.00 -23.19 30.53
C ILE A 28 19.02 -24.53 31.28
N LEU A 29 20.03 -24.67 32.16
CA LEU A 29 20.20 -25.81 33.07
C LEU A 29 20.80 -25.26 34.33
N ASN A 30 20.28 -25.69 35.48
CA ASN A 30 20.74 -25.25 36.76
C ASN A 30 21.05 -26.50 37.57
N SER A 31 22.34 -26.86 37.62
CA SER A 31 22.79 -28.05 38.34
C SER A 31 22.08 -29.30 37.88
N TYR A 32 22.02 -29.53 36.58
CA TYR A 32 21.37 -30.73 36.10
C TYR A 32 22.28 -31.93 36.36
N LEU A 33 21.74 -32.95 36.98
CA LEU A 33 22.49 -34.16 37.30
C LEU A 33 22.77 -34.97 36.06
N THR A 34 24.05 -35.20 35.78
CA THR A 34 24.39 -35.95 34.59
C THR A 34 24.76 -37.35 34.92
N ALA A 35 25.30 -37.54 36.13
CA ALA A 35 25.73 -38.84 36.52
C ALA A 35 25.98 -38.93 38.01
N TYR A 36 25.65 -40.08 38.59
CA TYR A 36 25.94 -40.32 39.97
C TYR A 36 25.96 -41.81 40.25
N ASN A 37 26.92 -42.22 41.05
CA ASN A 37 26.97 -43.59 41.53
C ASN A 37 27.53 -43.59 42.93
N GLY A 38 26.73 -44.09 43.86
CA GLY A 38 27.09 -44.11 45.27
C GLY A 38 28.03 -45.20 45.73
N SER A 39 28.07 -46.33 45.04
CA SER A 39 28.95 -47.40 45.49
C SER A 39 30.31 -47.42 44.79
N HIS A 40 30.35 -46.93 43.55
CA HIS A 40 31.59 -46.89 42.81
C HIS A 40 31.88 -45.52 42.25
N HIS A 41 33.14 -45.24 41.99
CA HIS A 41 33.52 -43.94 41.51
C HIS A 41 33.68 -43.93 39.97
N LEU A 42 32.71 -44.51 39.28
CA LEU A 42 32.74 -44.56 37.81
C LEU A 42 32.70 -43.16 37.19
N TYR A 43 31.90 -42.29 37.78
CA TYR A 43 31.66 -40.98 37.26
C TYR A 43 32.34 -39.87 38.02
N ASP A 44 33.61 -40.03 38.30
CA ASP A 44 34.35 -38.99 38.99
C ASP A 44 35.08 -38.14 37.98
N ARG A 45 34.90 -38.39 36.69
CA ARG A 45 35.58 -37.57 35.69
C ARG A 45 34.70 -37.13 34.52
N MET A 46 33.46 -36.75 34.78
CA MET A 46 32.56 -36.34 33.71
C MET A 46 33.09 -35.10 33.05
N SER A 47 33.01 -35.06 31.72
CA SER A 47 33.36 -33.90 30.95
C SER A 47 32.35 -33.65 29.82
N PHE A 48 32.26 -32.41 29.35
CA PHE A 48 31.33 -32.05 28.30
C PHE A 48 32.09 -31.29 27.26
N LEU A 49 32.14 -31.84 26.06
CA LEU A 49 32.85 -31.21 24.97
C LEU A 49 31.92 -30.87 23.84
N CYS A 50 32.14 -29.67 23.25
CA CYS A 50 31.43 -29.31 22.03
C CYS A 50 31.97 -30.15 20.85
N LEU A 51 31.24 -30.14 19.75
CA LEU A 51 31.60 -30.92 18.61
C LEU A 51 32.67 -30.24 17.74
N SER A 52 33.05 -29.03 18.07
CA SER A 52 34.09 -28.29 17.36
C SER A 52 34.53 -27.12 18.25
N SER A 53 35.78 -26.70 18.13
CA SER A 53 36.27 -25.58 18.90
C SER A 53 36.02 -24.30 18.17
N GLN A 54 35.73 -24.38 16.89
CA GLN A 54 35.49 -23.16 16.14
C GLN A 54 34.23 -23.14 15.35
N ASN A 55 33.73 -24.29 14.92
CA ASN A 55 32.52 -24.29 14.19
C ASN A 55 31.33 -24.13 15.16
N THR A 56 30.50 -23.20 14.82
CA THR A 56 29.47 -22.67 15.66
C THR A 56 28.04 -23.29 15.54
N LEU A 57 27.87 -24.16 14.54
CA LEU A 57 26.62 -24.76 14.23
C LEU A 57 25.86 -25.24 15.45
N ASN A 58 26.52 -26.04 16.30
CA ASN A 58 25.87 -26.59 17.47
C ASN A 58 26.59 -26.18 18.71
N GLY A 59 27.38 -25.10 18.61
CA GLY A 59 28.11 -24.60 19.76
C GLY A 59 29.59 -24.88 19.62
N ALA A 60 30.40 -23.81 19.70
CA ALA A 60 31.86 -23.94 19.65
C ALA A 60 32.41 -23.66 21.04
N CYS A 61 33.28 -24.54 21.52
CA CYS A 61 33.92 -24.41 22.85
C CYS A 61 34.97 -25.54 22.86
N PRO A 62 35.78 -25.68 23.91
CA PRO A 62 36.78 -26.75 23.93
C PRO A 62 36.14 -28.10 23.56
N SER A 63 36.76 -28.78 22.63
CA SER A 63 36.22 -30.01 22.10
C SER A 63 37.22 -31.14 22.24
N SER A 64 38.17 -30.96 23.11
CA SER A 64 39.18 -31.93 23.37
C SER A 64 39.54 -31.89 24.87
N ASP A 65 40.21 -32.91 25.32
CA ASP A 65 40.64 -33.05 26.71
C ASP A 65 41.44 -31.84 27.19
N ALA A 66 41.35 -31.56 28.49
CA ALA A 66 42.17 -30.50 29.12
C ALA A 66 43.65 -30.95 29.14
N PRO A 67 44.57 -30.00 29.08
CA PRO A 67 46.02 -30.31 29.10
C PRO A 67 46.50 -31.21 30.24
N GLY A 68 46.66 -30.65 31.44
CA GLY A 68 47.22 -31.44 32.54
C GLY A 68 46.23 -31.99 33.54
N THR A 69 46.73 -32.37 34.71
CA THR A 69 45.89 -32.89 35.78
C THR A 69 45.23 -31.75 36.59
N ALA A 70 45.76 -30.53 36.41
CA ALA A 70 45.25 -29.34 37.09
C ALA A 70 43.88 -28.96 36.56
N THR A 71 42.92 -28.78 37.48
CA THR A 71 41.55 -28.42 37.08
C THR A 71 41.51 -26.99 36.54
N ILE A 72 40.59 -26.75 35.62
CA ILE A 72 40.38 -25.43 35.06
C ILE A 72 39.15 -24.84 35.76
N ASP A 73 39.42 -23.92 36.68
CA ASP A 73 38.37 -23.23 37.45
C ASP A 73 37.73 -22.15 36.61
N GLY A 74 36.42 -21.97 36.80
CA GLY A 74 35.68 -20.95 36.06
C GLY A 74 34.58 -21.56 35.20
N GLU A 75 34.23 -20.85 34.14
CA GLU A 75 33.17 -21.28 33.28
C GLU A 75 33.67 -21.39 31.85
N THR A 76 32.92 -22.08 31.02
CA THR A 76 33.30 -22.23 29.65
C THR A 76 32.45 -21.28 28.79
N ASN A 77 33.10 -20.54 27.88
CA ASN A 77 32.38 -19.72 26.93
C ASN A 77 32.00 -20.53 25.69
N ILE A 78 30.72 -20.56 25.35
CA ILE A 78 30.27 -21.29 24.16
C ILE A 78 29.71 -20.29 23.15
N THR A 79 30.15 -20.39 21.89
CA THR A 79 29.66 -19.49 20.83
C THR A 79 28.71 -20.33 20.06
N LEU A 80 27.45 -19.92 20.04
CA LEU A 80 26.43 -20.75 19.52
C LEU A 80 25.59 -20.02 18.47
N GLN A 81 25.41 -20.66 17.32
CA GLN A 81 24.68 -20.05 16.22
C GLN A 81 23.15 -20.03 16.36
N PHE A 82 22.53 -18.86 16.26
CA PHE A 82 21.07 -18.79 16.23
C PHE A 82 20.58 -18.45 14.82
N THR A 83 19.51 -19.13 14.37
CA THR A 83 18.95 -18.89 13.06
C THR A 83 17.51 -18.37 13.12
N GLU A 84 17.24 -17.24 12.49
CA GLU A 84 15.85 -16.74 12.55
C GLU A 84 14.96 -17.59 11.65
N LYS A 85 13.85 -18.06 12.17
CA LYS A 85 12.97 -19.00 11.45
C LYS A 85 12.52 -18.63 10.02
N ARG A 86 12.03 -17.43 9.80
CA ARG A 86 11.54 -17.10 8.47
C ARG A 86 12.61 -16.56 7.54
N SER A 87 13.52 -15.75 8.09
CA SER A 87 14.51 -15.10 7.26
C SER A 87 15.79 -15.93 7.07
N LEU A 88 16.04 -16.90 7.95
CA LEU A 88 17.25 -17.73 7.88
C LEU A 88 18.55 -16.96 8.20
N ILE A 89 18.41 -15.73 8.68
CA ILE A 89 19.57 -14.96 9.07
C ILE A 89 20.20 -15.63 10.36
N LYS A 90 21.51 -15.58 10.44
CA LYS A 90 22.24 -16.19 11.53
C LYS A 90 23.00 -15.23 12.34
N ARG A 91 23.07 -15.51 13.63
CA ARG A 91 23.89 -14.72 14.53
C ARG A 91 24.42 -15.64 15.62
N GLU A 92 25.57 -15.27 16.13
CA GLU A 92 26.23 -15.99 17.13
C GLU A 92 26.05 -15.33 18.49
N LEU A 93 25.53 -16.09 19.44
CA LEU A 93 25.42 -15.57 20.80
C LEU A 93 26.32 -16.39 21.71
N GLN A 94 26.63 -15.83 22.87
CA GLN A 94 27.40 -16.53 23.90
C GLN A 94 26.51 -17.30 24.90
N ILE A 95 26.86 -18.54 25.19
CA ILE A 95 26.20 -19.28 26.22
C ILE A 95 27.32 -19.58 27.22
N LYS A 96 27.02 -19.50 28.52
CA LYS A 96 28.00 -19.85 29.56
C LYS A 96 27.68 -21.20 30.15
N GLY A 97 28.70 -22.02 30.35
CA GLY A 97 28.52 -23.35 30.90
C GLY A 97 29.55 -23.69 31.98
N TYR A 98 29.14 -24.53 32.93
CA TYR A 98 30.04 -25.06 33.93
C TYR A 98 29.53 -26.37 34.54
N LYS A 99 30.41 -27.06 35.26
CA LYS A 99 30.01 -28.28 35.92
C LYS A 99 30.49 -28.21 37.34
N GLN A 100 29.92 -29.07 38.19
CA GLN A 100 30.27 -29.15 39.59
C GLN A 100 30.33 -30.63 39.97
N PHE A 101 31.22 -30.97 40.87
CA PHE A 101 31.36 -32.35 41.27
C PHE A 101 30.63 -32.64 42.58
N LEU A 102 30.01 -33.82 42.66
CA LEU A 102 29.29 -34.23 43.86
C LEU A 102 30.08 -35.27 44.61
N PHE A 103 30.17 -35.11 45.93
CA PHE A 103 30.93 -36.01 46.79
C PHE A 103 30.07 -36.59 47.89
N LYS A 104 30.30 -37.85 48.20
CA LYS A 104 29.54 -38.56 49.24
C LYS A 104 29.63 -37.95 50.66
N ASN A 105 30.84 -37.63 51.09
CA ASN A 105 31.05 -37.17 52.47
C ASN A 105 31.54 -35.73 52.67
N ALA A 106 31.55 -34.94 51.61
CA ALA A 106 32.00 -33.55 51.70
C ALA A 106 31.33 -32.69 50.64
N ASN A 107 31.53 -31.37 50.71
CA ASN A 107 30.97 -30.41 49.77
C ASN A 107 32.07 -29.54 49.20
N CYS A 108 32.23 -29.57 47.88
CA CYS A 108 33.18 -28.69 47.18
C CYS A 108 32.49 -28.25 45.94
N PRO A 109 31.64 -27.23 46.04
CA PRO A 109 30.83 -26.78 44.91
C PRO A 109 31.55 -25.82 43.94
N SER A 110 32.87 -25.92 43.80
CA SER A 110 33.57 -25.04 42.87
C SER A 110 33.02 -25.24 41.47
N LYS A 111 32.99 -24.18 40.72
CA LYS A 111 32.50 -24.23 39.35
C LYS A 111 33.66 -24.54 38.43
N LEU A 112 33.52 -25.56 37.58
CA LEU A 112 34.61 -25.93 36.70
C LEU A 112 34.24 -25.85 35.26
N ALA A 113 35.24 -25.58 34.44
CA ALA A 113 35.11 -25.56 33.00
C ALA A 113 34.58 -26.95 32.56
N LEU A 114 33.82 -26.98 31.48
CA LEU A 114 33.21 -28.21 30.99
C LEU A 114 34.22 -29.37 30.78
N ASN A 115 35.44 -29.07 30.35
CA ASN A 115 36.42 -30.14 30.12
C ASN A 115 37.48 -30.29 31.18
N SER A 116 37.28 -29.68 32.32
CA SER A 116 38.28 -29.76 33.37
C SER A 116 38.42 -31.16 33.94
N SER A 117 39.65 -31.60 34.18
CA SER A 117 39.89 -32.92 34.82
C SER A 117 39.39 -32.89 36.26
N HIS A 118 39.38 -34.05 36.90
CA HIS A 118 38.83 -34.18 38.27
C HIS A 118 39.64 -33.48 39.37
N PHE A 119 39.02 -33.32 40.53
CA PHE A 119 39.70 -32.84 41.70
C PHE A 119 39.15 -33.55 42.91
N GLN A 120 39.98 -33.75 43.90
CA GLN A 120 39.55 -34.41 45.11
C GLN A 120 39.03 -33.36 46.10
N CYS A 121 38.04 -33.75 46.89
CA CYS A 121 37.54 -32.88 47.94
C CYS A 121 37.82 -33.51 49.28
N ASN A 122 38.71 -32.88 50.04
CA ASN A 122 39.12 -33.43 51.34
C ASN A 122 39.51 -34.87 51.18
N ARG A 123 40.35 -35.13 50.17
CA ARG A 123 40.88 -36.47 49.92
C ARG A 123 39.84 -37.54 49.63
N GLU A 124 38.96 -37.26 48.70
CA GLU A 124 37.92 -38.21 48.32
C GLU A 124 37.59 -37.93 46.86
N GLN A 125 37.52 -38.98 46.04
CA GLN A 125 37.19 -38.85 44.62
C GLN A 125 35.72 -38.57 44.48
N ALA A 126 35.35 -37.82 43.46
CA ALA A 126 33.95 -37.46 43.22
C ALA A 126 33.09 -38.68 42.96
N SER A 127 31.78 -38.56 43.20
CA SER A 127 30.87 -39.66 42.95
C SER A 127 29.94 -39.36 41.75
N GLY A 128 29.93 -38.09 41.32
CA GLY A 128 29.12 -37.68 40.20
C GLY A 128 29.32 -36.20 39.84
N ALA A 129 28.50 -35.70 38.89
CA ALA A 129 28.59 -34.33 38.42
C ALA A 129 27.27 -33.75 37.91
N THR A 130 27.13 -32.44 38.07
CA THR A 130 26.00 -31.72 37.53
C THR A 130 26.48 -30.73 36.46
N LEU A 131 25.58 -30.38 35.54
CA LEU A 131 25.86 -29.43 34.48
C LEU A 131 25.01 -28.12 34.62
N SER A 132 25.63 -26.95 34.35
CA SER A 132 24.88 -25.69 34.34
C SER A 132 25.19 -24.89 33.06
N LEU A 133 24.13 -24.36 32.45
CA LEU A 133 24.24 -23.53 31.27
C LEU A 133 23.32 -22.33 31.42
N TYR A 134 23.76 -21.18 30.95
CA TYR A 134 22.90 -19.98 30.96
C TYR A 134 23.28 -18.99 29.90
N ILE A 135 22.31 -18.15 29.55
CA ILE A 135 22.56 -17.08 28.60
C ILE A 135 22.81 -15.80 29.43
N PRO A 136 23.97 -15.17 29.27
CA PRO A 136 24.28 -13.94 30.02
C PRO A 136 23.34 -12.79 29.69
N ALA A 137 23.26 -11.85 30.60
CA ALA A 137 22.45 -10.68 30.46
C ALA A 137 22.92 -9.91 29.24
N GLY A 138 21.97 -9.35 28.48
CA GLY A 138 22.30 -8.53 27.31
C GLY A 138 22.53 -9.27 26.01
N GLU A 139 22.67 -10.58 26.07
CA GLU A 139 22.96 -11.35 24.88
C GLU A 139 21.88 -11.15 23.77
N LEU A 140 20.62 -11.11 24.16
CA LEU A 140 19.57 -10.98 23.16
C LEU A 140 19.67 -9.68 22.38
N ASN A 141 20.22 -8.65 23.00
CA ASN A 141 20.42 -7.36 22.33
C ASN A 141 21.24 -7.47 21.05
N LYS A 142 21.98 -8.57 20.88
CA LYS A 142 22.80 -8.71 19.69
C LYS A 142 22.02 -9.15 18.50
N LEU A 143 20.79 -9.62 18.71
CA LEU A 143 19.97 -10.03 17.57
C LEU A 143 19.56 -8.78 16.77
N PRO A 144 19.73 -8.79 15.45
CA PRO A 144 19.48 -7.59 14.64
C PRO A 144 17.99 -7.22 14.48
N PHE A 145 17.03 -8.10 14.78
CA PHE A 145 15.59 -7.77 14.58
C PHE A 145 14.69 -8.84 15.18
N GLY A 146 13.41 -8.56 15.32
CA GLY A 146 12.50 -9.51 15.92
C GLY A 146 12.19 -10.70 15.02
N GLY A 147 11.97 -11.85 15.66
CA GLY A 147 11.62 -13.06 14.95
C GLY A 147 11.73 -14.23 15.92
N VAL A 148 11.68 -15.43 15.38
CA VAL A 148 11.79 -16.63 16.14
C VAL A 148 13.20 -17.13 15.90
N TRP A 149 14.08 -16.97 16.89
CA TRP A 149 15.48 -17.37 16.75
C TRP A 149 15.78 -18.77 17.33
N ASN A 150 16.23 -19.69 16.52
CA ASN A 150 16.48 -21.04 17.01
C ASN A 150 17.95 -21.42 17.07
N ALA A 151 18.31 -22.18 18.08
CA ALA A 151 19.65 -22.77 18.15
C ALA A 151 19.55 -24.18 18.68
N VAL A 152 20.52 -25.01 18.33
CA VAL A 152 20.57 -26.34 18.86
C VAL A 152 21.98 -26.58 19.43
N LEU A 153 22.11 -26.54 20.75
CA LEU A 153 23.39 -26.77 21.42
C LEU A 153 23.63 -28.28 21.56
N LYS A 154 24.80 -28.74 21.14
CA LYS A 154 25.16 -30.13 21.33
C LYS A 154 26.44 -30.22 22.13
N LEU A 155 26.43 -31.05 23.16
CA LEU A 155 27.62 -31.32 23.96
C LEU A 155 27.79 -32.84 24.09
N ASN A 156 28.97 -33.34 23.80
CA ASN A 156 29.25 -34.74 23.98
C ASN A 156 29.58 -34.98 25.42
N VAL A 157 28.98 -36.03 26.00
CA VAL A 157 29.22 -36.39 27.40
C VAL A 157 30.34 -37.42 27.44
N LYS A 158 31.45 -37.08 28.09
CA LYS A 158 32.64 -37.96 28.03
C LYS A 158 33.43 -38.10 29.35
N ARG A 159 34.40 -39.02 29.33
CA ARG A 159 35.37 -39.11 30.43
C ARG A 159 36.50 -38.33 29.76
N ARG A 160 37.43 -39.05 29.15
CA ARG A 160 38.38 -38.38 28.27
C ARG A 160 37.91 -38.71 26.83
N TYR A 161 38.66 -38.26 25.84
CA TYR A 161 38.19 -38.31 24.45
C TYR A 161 37.82 -39.69 23.87
N ASP A 162 38.38 -40.76 24.43
CA ASP A 162 38.16 -42.11 23.94
C ASP A 162 36.91 -42.75 24.54
N THR A 163 36.30 -42.09 25.52
CA THR A 163 35.09 -42.63 26.15
C THR A 163 33.91 -41.71 25.86
N THR A 164 32.84 -42.25 25.27
CA THR A 164 31.66 -41.42 24.98
C THR A 164 30.41 -41.98 25.59
N TYR A 165 29.73 -41.21 26.44
CA TYR A 165 28.51 -41.69 27.06
C TYR A 165 27.26 -41.32 26.28
N GLY A 166 27.32 -40.23 25.54
CA GLY A 166 26.18 -39.80 24.78
C GLY A 166 26.31 -38.36 24.44
N THR A 167 25.18 -37.71 24.13
CA THR A 167 25.21 -36.33 23.71
C THR A 167 24.01 -35.59 24.27
N TYR A 168 24.20 -34.35 24.69
CA TYR A 168 23.11 -33.52 25.14
C TYR A 168 22.77 -32.62 23.97
N THR A 169 21.51 -32.65 23.58
CA THR A 169 20.99 -31.80 22.52
C THR A 169 19.96 -30.89 23.18
N ILE A 170 20.22 -29.60 23.20
CA ILE A 170 19.35 -28.66 23.85
C ILE A 170 18.82 -27.67 22.82
N ASN A 171 17.54 -27.75 22.52
CA ASN A 171 16.96 -26.82 21.53
C ASN A 171 16.52 -25.58 22.24
N ILE A 172 17.04 -24.42 21.83
CA ILE A 172 16.70 -23.11 22.43
C ILE A 172 16.00 -22.25 21.39
N THR A 173 14.79 -21.79 21.69
CA THR A 173 14.01 -20.96 20.80
C THR A 173 13.84 -19.61 21.52
N VAL A 174 14.16 -18.51 20.87
CA VAL A 174 13.97 -17.21 21.47
C VAL A 174 12.89 -16.48 20.68
N ASN A 175 11.78 -16.19 21.33
CA ASN A 175 10.72 -15.46 20.73
C ASN A 175 11.01 -14.02 21.06
N LEU A 176 11.52 -13.29 20.07
CA LEU A 176 11.93 -11.90 20.24
C LEU A 176 10.99 -10.97 19.47
N THR A 177 10.19 -10.20 20.16
CA THR A 177 9.29 -9.28 19.49
C THR A 177 9.96 -7.94 19.39
N ASP A 178 9.36 -7.02 18.63
CA ASP A 178 9.87 -5.66 18.52
C ASP A 178 8.64 -4.81 18.25
N LYS A 179 7.81 -4.66 19.27
CA LYS A 179 6.53 -3.97 19.17
C LYS A 179 6.60 -2.52 18.78
N GLY A 180 7.65 -1.83 19.22
CA GLY A 180 7.85 -0.42 18.88
C GLY A 180 8.09 -0.22 17.39
N ASN A 181 8.48 -1.26 16.67
CA ASN A 181 8.79 -1.09 15.24
C ASN A 181 7.79 -1.59 14.27
N ILE A 182 6.66 -2.12 14.76
CA ILE A 182 5.59 -2.58 13.87
C ILE A 182 5.19 -1.33 13.08
N GLN A 183 4.95 -1.45 11.78
CA GLN A 183 4.58 -0.27 11.02
C GLN A 183 4.08 -0.65 9.67
N ILE A 184 3.38 0.27 9.05
CA ILE A 184 3.01 0.09 7.63
C ILE A 184 4.07 0.95 6.95
N TRP A 185 4.82 0.35 6.05
CA TRP A 185 5.95 1.02 5.40
C TRP A 185 5.62 1.27 3.94
N LEU A 186 5.80 2.49 3.47
CA LEU A 186 5.49 2.78 2.05
C LEU A 186 6.82 3.15 1.40
N PRO A 187 7.29 2.34 0.46
CA PRO A 187 8.64 2.55 -0.15
C PRO A 187 8.78 3.91 -0.81
N GLN A 188 7.71 4.40 -1.41
CA GLN A 188 7.78 5.67 -2.10
C GLN A 188 7.70 6.92 -1.18
N PHE A 189 7.22 6.77 0.05
CA PHE A 189 7.03 7.95 0.91
C PHE A 189 7.50 7.77 2.35
N LYS A 190 8.54 8.51 2.75
CA LYS A 190 8.99 8.41 4.15
C LYS A 190 7.93 9.13 5.02
N SER A 191 7.23 10.06 4.40
CA SER A 191 6.13 10.78 5.02
C SER A 191 5.25 11.37 3.91
N ASN A 192 4.12 11.97 4.32
CA ASN A 192 3.17 12.62 3.41
C ASN A 192 2.80 11.88 2.10
N ALA A 193 2.36 10.62 2.24
CA ALA A 193 1.95 9.83 1.08
C ALA A 193 0.74 10.45 0.37
N ARG A 194 0.77 10.49 -0.97
CA ARG A 194 -0.29 11.11 -1.79
C ARG A 194 -0.40 10.36 -3.08
N VAL A 195 -1.64 10.24 -3.59
CA VAL A 195 -1.87 9.68 -4.91
C VAL A 195 -2.97 10.41 -5.59
N ASP A 196 -2.84 10.53 -6.88
CA ASP A 196 -3.89 11.09 -7.70
C ASP A 196 -4.57 9.96 -8.44
N LEU A 197 -5.91 10.00 -8.52
CA LEU A 197 -6.63 8.95 -9.24
C LEU A 197 -6.43 9.04 -10.75
N ASN A 198 -5.83 10.15 -11.21
CA ASN A 198 -5.57 10.36 -12.63
C ASN A 198 -6.82 10.20 -13.50
N LEU A 199 -7.85 10.92 -13.13
CA LEU A 199 -9.10 10.89 -13.85
C LEU A 199 -8.91 11.31 -15.28
N ARG A 200 -9.60 10.62 -16.19
CA ARG A 200 -9.65 11.00 -17.62
C ARG A 200 -11.08 10.83 -18.15
N PRO A 201 -11.54 11.78 -18.96
CA PRO A 201 -12.87 11.68 -19.57
C PRO A 201 -12.89 10.59 -20.65
N THR A 202 -13.84 9.66 -20.60
CA THR A 202 -13.96 8.67 -21.66
C THR A 202 -15.16 8.96 -22.58
N GLY A 203 -16.02 9.88 -22.17
CA GLY A 203 -17.17 10.27 -22.98
C GLY A 203 -18.52 10.11 -22.30
N GLY A 204 -19.48 10.95 -22.70
CA GLY A 204 -20.82 10.92 -22.13
C GLY A 204 -20.85 11.40 -20.68
N GLY A 205 -19.82 12.15 -20.27
CA GLY A 205 -19.74 12.64 -18.91
C GLY A 205 -19.07 11.66 -17.93
N THR A 206 -18.64 10.51 -18.43
CA THR A 206 -17.97 9.52 -17.62
C THR A 206 -16.49 9.85 -17.46
N TYR A 207 -15.98 9.71 -16.23
CA TYR A 207 -14.56 9.88 -15.95
C TYR A 207 -14.08 8.60 -15.30
N ILE A 208 -12.90 8.14 -15.72
CA ILE A 208 -12.36 6.90 -15.21
C ILE A 208 -10.95 7.17 -14.78
N GLY A 209 -10.55 6.62 -13.66
CA GLY A 209 -9.20 6.78 -13.19
C GLY A 209 -8.69 5.57 -12.42
N ARG A 210 -7.40 5.39 -12.39
CA ARG A 210 -6.84 4.28 -11.65
C ARG A 210 -5.43 4.61 -11.24
N ASN A 211 -5.09 4.32 -9.97
CA ASN A 211 -3.72 4.45 -9.48
C ASN A 211 -3.45 3.48 -8.33
N SER A 212 -2.18 3.38 -7.92
CA SER A 212 -1.75 2.40 -6.94
C SER A 212 -0.74 2.96 -5.95
N VAL A 213 -0.72 2.40 -4.74
CA VAL A 213 0.25 2.77 -3.71
C VAL A 213 0.86 1.49 -3.14
N ASP A 214 2.18 1.37 -3.23
CA ASP A 214 2.92 0.22 -2.68
C ASP A 214 3.02 0.37 -1.20
N MET A 215 2.83 -0.72 -0.49
CA MET A 215 2.99 -0.70 0.96
C MET A 215 3.42 -2.07 1.45
N CYS A 216 4.22 -2.08 2.53
CA CYS A 216 4.71 -3.30 3.17
C CYS A 216 4.23 -3.26 4.63
N PHE A 217 3.66 -4.37 5.10
CA PHE A 217 3.23 -4.51 6.48
C PHE A 217 4.31 -5.26 7.26
N TYR A 218 4.79 -4.66 8.33
CA TYR A 218 5.89 -5.25 9.08
C TYR A 218 5.50 -5.47 10.52
N ASP A 219 5.57 -6.72 10.99
CA ASP A 219 5.17 -7.03 12.36
C ASP A 219 6.27 -6.93 13.42
N GLY A 220 7.44 -6.40 13.07
CA GLY A 220 8.54 -6.37 14.04
C GLY A 220 8.89 -7.77 14.53
N TYR A 221 8.57 -8.77 13.73
CA TYR A 221 8.70 -10.16 14.15
C TYR A 221 9.03 -11.09 12.97
N SER A 222 9.65 -10.54 11.93
CA SER A 222 10.07 -11.35 10.78
C SER A 222 8.94 -12.12 10.05
N THR A 223 7.72 -11.58 10.13
CA THR A 223 6.54 -12.18 9.51
C THR A 223 6.16 -13.50 10.11
N ASN A 224 6.44 -13.66 11.41
CA ASN A 224 6.05 -14.86 12.09
C ASN A 224 4.58 -14.77 12.58
N SER A 225 4.03 -13.57 12.60
CA SER A 225 2.62 -13.38 12.98
C SER A 225 1.68 -14.24 12.14
N SER A 226 0.75 -14.94 12.80
CA SER A 226 -0.16 -15.84 12.11
C SER A 226 -1.31 -15.18 11.35
N SER A 227 -1.67 -13.96 11.74
CA SER A 227 -2.70 -13.22 11.02
C SER A 227 -2.59 -11.71 11.16
N LEU A 228 -3.16 -11.01 10.21
CA LEU A 228 -3.09 -9.55 10.19
C LEU A 228 -4.47 -8.96 10.26
N GLU A 229 -4.60 -7.86 10.98
CA GLU A 229 -5.85 -7.15 11.00
C GLU A 229 -5.58 -5.84 10.27
N ILE A 230 -6.21 -5.63 9.13
CA ILE A 230 -5.97 -4.40 8.34
C ILE A 230 -7.25 -3.61 8.05
N ARG A 231 -7.25 -2.33 8.35
CA ARG A 231 -8.44 -1.55 8.07
C ARG A 231 -8.16 -0.29 7.25
N PHE A 232 -9.05 0.01 6.29
CA PHE A 232 -9.00 1.22 5.47
C PHE A 232 -10.28 1.99 5.77
N GLN A 233 -10.13 3.20 6.30
CA GLN A 233 -11.24 4.03 6.63
C GLN A 233 -11.05 5.39 6.05
N ASP A 234 -12.15 5.98 5.63
CA ASP A 234 -12.08 7.27 4.99
C ASP A 234 -12.83 8.26 5.80
N ASP A 235 -12.17 9.39 6.07
CA ASP A 235 -12.74 10.44 6.88
C ASP A 235 -14.00 11.20 6.46
N ASN A 236 -14.90 10.45 5.83
CA ASN A 236 -16.20 10.91 5.42
C ASN A 236 -17.12 9.83 5.98
N SER A 237 -17.22 9.84 7.30
CA SER A 237 -18.02 8.88 8.04
C SER A 237 -19.56 9.10 7.91
N LYS A 238 -20.11 8.51 6.86
CA LYS A 238 -21.55 8.40 6.67
C LYS A 238 -21.62 6.89 6.52
N SER A 239 -22.19 6.19 7.50
CA SER A 239 -22.19 4.72 7.46
C SER A 239 -22.66 4.04 6.17
N ASP A 240 -21.68 3.43 5.51
CA ASP A 240 -21.82 2.68 4.26
C ASP A 240 -20.38 2.36 3.85
N GLY A 241 -20.19 1.31 3.07
CA GLY A 241 -18.82 0.89 2.74
C GLY A 241 -18.09 1.66 1.65
N LYS A 242 -18.57 2.85 1.30
CA LYS A 242 -18.00 3.60 0.19
C LYS A 242 -16.95 4.62 0.60
N PHE A 243 -16.04 4.91 -0.33
CA PHE A 243 -14.98 5.92 -0.13
C PHE A 243 -15.29 7.12 -1.02
N TYR A 244 -15.12 8.33 -0.52
CA TYR A 244 -15.44 9.52 -1.29
C TYR A 244 -14.35 10.55 -1.22
N LEU A 245 -14.12 11.26 -2.30
CA LEU A 245 -13.24 12.43 -2.24
C LEU A 245 -14.25 13.58 -2.21
N LYS A 246 -13.94 14.66 -1.52
CA LYS A 246 -14.85 15.82 -1.48
C LYS A 246 -14.25 16.91 -2.33
N LYS A 247 -15.09 17.69 -3.02
CA LYS A 247 -14.58 18.77 -3.84
C LYS A 247 -14.01 19.85 -2.92
N ILE A 248 -12.84 20.34 -3.24
CA ILE A 248 -12.11 21.27 -2.41
C ILE A 248 -12.78 22.57 -2.21
N ASN A 249 -13.42 23.08 -3.25
CA ASN A 249 -14.10 24.35 -3.15
C ASN A 249 -15.60 24.23 -2.87
N ASP A 250 -16.10 23.01 -2.71
CA ASP A 250 -17.54 22.77 -2.44
C ASP A 250 -17.70 21.39 -1.78
N ASP A 251 -17.68 21.35 -0.45
CA ASP A 251 -17.77 20.05 0.28
C ASP A 251 -19.15 19.33 0.13
N SER A 252 -20.10 19.94 -0.55
CA SER A 252 -21.35 19.26 -0.81
C SER A 252 -21.23 18.32 -2.03
N LYS A 253 -20.17 18.47 -2.81
CA LYS A 253 -19.99 17.60 -3.96
C LYS A 253 -18.91 16.55 -3.73
N GLU A 254 -19.22 15.29 -4.11
CA GLU A 254 -18.34 14.16 -3.87
C GLU A 254 -18.05 13.32 -5.10
N LEU A 255 -17.03 12.48 -5.00
CA LEU A 255 -16.61 11.59 -6.07
C LEU A 255 -16.29 10.25 -5.43
N VAL A 256 -16.98 9.21 -5.86
CA VAL A 256 -16.80 7.86 -5.32
C VAL A 256 -15.61 7.16 -5.92
N TYR A 257 -14.98 6.27 -5.13
CA TYR A 257 -13.90 5.41 -5.61
C TYR A 257 -13.83 4.11 -4.82
N THR A 258 -13.15 3.11 -5.38
CA THR A 258 -13.05 1.80 -4.73
C THR A 258 -11.62 1.39 -4.47
N LEU A 259 -11.43 0.56 -3.46
CA LEU A 259 -10.12 0.08 -3.10
C LEU A 259 -10.02 -1.37 -3.35
N SER A 260 -8.82 -1.79 -3.65
CA SER A 260 -8.51 -3.18 -3.90
C SER A 260 -7.06 -3.41 -3.36
N LEU A 261 -6.88 -4.37 -2.46
CA LEU A 261 -5.55 -4.59 -1.93
C LEU A 261 -4.97 -5.88 -2.49
N LEU A 262 -3.94 -5.75 -3.29
CA LEU A 262 -3.27 -6.91 -3.86
C LEU A 262 -2.17 -7.22 -2.90
N LEU A 263 -2.39 -8.23 -2.10
CA LEU A 263 -1.47 -8.46 -1.02
C LEU A 263 -0.71 -9.71 -1.11
N ALA A 264 0.59 -9.59 -1.39
CA ALA A 264 1.51 -10.72 -1.36
C ALA A 264 0.90 -12.05 -1.85
N GLY A 265 0.11 -11.98 -2.91
CA GLY A 265 -0.55 -13.17 -3.43
C GLY A 265 -2.07 -13.03 -3.39
N LYS A 266 -2.62 -12.67 -2.23
CA LYS A 266 -4.08 -12.54 -2.01
C LYS A 266 -4.77 -11.23 -2.52
N ASN A 267 -5.96 -11.36 -3.10
CA ASN A 267 -6.72 -10.17 -3.54
C ASN A 267 -7.87 -9.90 -2.59
N LEU A 268 -7.83 -8.75 -1.95
CA LEU A 268 -8.87 -8.39 -1.00
C LEU A 268 -9.63 -7.14 -1.49
N THR A 269 -10.88 -6.96 -1.04
CA THR A 269 -11.66 -5.80 -1.44
C THR A 269 -12.13 -5.06 -0.22
N PRO A 270 -11.32 -4.13 0.25
CA PRO A 270 -11.67 -3.35 1.44
C PRO A 270 -12.89 -2.47 1.23
N THR A 271 -13.79 -2.42 2.22
CA THR A 271 -14.89 -1.47 2.21
C THR A 271 -14.61 -0.56 3.38
N ASN A 272 -15.15 0.66 3.32
CA ASN A 272 -14.92 1.68 4.34
C ASN A 272 -15.22 1.26 5.77
N GLY A 273 -14.18 1.26 6.60
CA GLY A 273 -14.31 0.91 8.00
C GLY A 273 -14.36 -0.59 8.33
N GLN A 274 -14.36 -1.47 7.33
CA GLN A 274 -14.46 -2.91 7.63
C GLN A 274 -13.10 -3.58 7.72
N ALA A 275 -12.73 -3.97 8.93
CA ALA A 275 -11.45 -4.61 9.15
C ALA A 275 -11.36 -5.92 8.40
N LEU A 276 -10.23 -6.12 7.74
CA LEU A 276 -9.97 -7.36 7.07
C LEU A 276 -9.12 -8.20 8.00
N ASN A 277 -9.48 -9.47 8.15
CA ASN A 277 -8.67 -10.40 8.92
C ASN A 277 -8.08 -11.41 7.95
N ILE A 278 -6.75 -11.34 7.80
CA ILE A 278 -5.99 -12.12 6.84
C ILE A 278 -5.06 -13.13 7.47
N ASN A 279 -5.19 -14.39 7.08
CA ASN A 279 -4.24 -15.42 7.50
C ASN A 279 -2.90 -15.28 6.73
N THR A 280 -1.77 -15.33 7.45
CA THR A 280 -0.45 -15.16 6.79
C THR A 280 0.17 -16.44 6.25
N ALA A 281 -0.31 -17.58 6.70
CA ALA A 281 0.28 -18.85 6.27
C ALA A 281 0.56 -18.91 4.77
N SER A 282 -0.37 -18.37 3.99
CA SER A 282 -0.29 -18.38 2.54
C SER A 282 0.41 -17.18 1.86
N LEU A 283 0.66 -16.11 2.61
CA LEU A 283 1.24 -14.91 2.02
C LEU A 283 2.75 -14.95 1.76
N GLU A 284 3.13 -14.45 0.60
CA GLU A 284 4.53 -14.29 0.21
C GLU A 284 5.11 -13.11 0.97
N THR A 285 6.43 -13.09 1.15
CA THR A 285 7.10 -11.95 1.74
C THR A 285 8.20 -11.39 0.85
N ASN A 286 8.88 -10.44 1.41
CA ASN A 286 9.77 -9.60 0.71
C ASN A 286 10.76 -9.06 1.69
N TRP A 287 12.00 -8.91 1.27
CA TRP A 287 12.98 -8.19 2.05
C TRP A 287 12.82 -6.69 1.74
N ASN A 288 12.91 -5.86 2.76
CA ASN A 288 12.96 -4.40 2.57
C ASN A 288 13.84 -3.79 3.66
N ARG A 289 14.42 -2.65 3.39
CA ARG A 289 15.25 -1.95 4.36
C ARG A 289 14.35 -0.94 5.15
N ILE A 290 13.65 -1.49 6.13
CA ILE A 290 12.77 -0.71 6.98
C ILE A 290 13.53 -0.27 8.24
N THR A 291 13.65 1.04 8.46
CA THR A 291 14.33 1.50 9.64
C THR A 291 13.36 1.59 10.83
N ALA A 292 13.94 1.79 12.01
CA ALA A 292 13.17 1.90 13.24
C ALA A 292 12.22 3.14 13.30
N VAL A 293 11.04 2.96 13.91
CA VAL A 293 10.09 4.05 14.13
C VAL A 293 10.76 4.99 15.12
N THR A 294 11.05 4.49 16.33
CA THR A 294 11.83 5.24 17.31
C THR A 294 13.11 4.42 17.68
N MET A 295 13.03 3.67 18.79
CA MET A 295 14.12 2.79 19.27
C MET A 295 13.50 1.42 19.48
N PRO A 296 14.30 0.32 19.36
CA PRO A 296 15.74 0.39 19.07
C PRO A 296 15.99 0.31 17.56
N GLU A 297 17.21 0.55 17.18
CA GLU A 297 17.56 0.55 15.78
C GLU A 297 17.35 -0.81 15.08
N ILE A 298 17.07 -0.74 13.79
CA ILE A 298 17.03 -1.93 12.92
C ILE A 298 18.09 -1.64 11.88
N SER A 299 19.20 -2.34 11.92
CA SER A 299 20.36 -2.01 11.12
C SER A 299 20.56 -2.85 9.85
N VAL A 300 19.56 -3.61 9.49
CA VAL A 300 19.74 -4.61 8.47
C VAL A 300 18.35 -4.83 7.91
N PRO A 301 18.20 -5.16 6.61
CA PRO A 301 16.86 -5.39 5.98
C PRO A 301 16.11 -6.40 6.76
N VAL A 302 14.78 -6.35 6.71
CA VAL A 302 13.94 -7.30 7.40
C VAL A 302 12.91 -7.86 6.44
N LEU A 303 12.10 -8.81 6.92
CA LEU A 303 11.06 -9.35 6.07
C LEU A 303 9.73 -8.65 6.38
N CYS A 304 8.97 -8.32 5.34
CA CYS A 304 7.63 -7.73 5.58
C CYS A 304 6.66 -8.27 4.49
N TRP A 305 5.34 -7.98 4.59
CA TRP A 305 4.39 -8.41 3.53
C TRP A 305 4.12 -7.26 2.58
N PRO A 306 4.49 -7.46 1.33
CA PRO A 306 4.32 -6.43 0.31
C PRO A 306 2.92 -6.38 -0.31
N GLY A 307 2.38 -5.19 -0.41
CA GLY A 307 1.10 -5.02 -1.00
C GLY A 307 1.03 -3.84 -1.93
N ARG A 308 0.04 -3.86 -2.78
CA ARG A 308 -0.24 -2.76 -3.65
C ARG A 308 -1.74 -2.39 -3.44
N LEU A 309 -2.01 -1.14 -3.06
CA LEU A 309 -3.38 -0.68 -2.89
C LEU A 309 -3.74 -0.03 -4.17
N GLN A 310 -4.68 -0.60 -4.89
CA GLN A 310 -5.12 -0.02 -6.15
C GLN A 310 -6.43 0.73 -5.93
N LEU A 311 -6.48 1.96 -6.43
CA LEU A 311 -7.65 2.80 -6.31
C LEU A 311 -8.31 2.85 -7.69
N ASP A 312 -9.62 2.65 -7.74
CA ASP A 312 -10.33 2.75 -9.01
C ASP A 312 -11.49 3.73 -8.89
N ALA A 313 -11.80 4.43 -9.97
CA ALA A 313 -12.90 5.36 -9.95
C ALA A 313 -13.55 5.41 -11.34
N LYS A 314 -14.88 5.35 -11.36
CA LYS A 314 -15.67 5.47 -12.59
C LYS A 314 -16.85 6.34 -12.23
N VAL A 315 -16.78 7.61 -12.53
CA VAL A 315 -17.85 8.54 -12.12
C VAL A 315 -18.54 9.16 -13.29
N LYS A 316 -19.78 9.59 -13.08
CA LYS A 316 -20.57 10.19 -14.13
C LYS A 316 -20.92 11.66 -13.83
N ASN A 317 -20.53 12.55 -14.75
CA ASN A 317 -20.80 13.98 -14.62
C ASN A 317 -20.47 14.67 -13.30
N PRO A 318 -19.24 14.51 -12.80
CA PRO A 318 -18.83 15.24 -11.59
C PRO A 318 -18.56 16.73 -11.93
N GLU A 319 -18.75 17.64 -10.98
CA GLU A 319 -18.41 19.03 -11.24
C GLU A 319 -16.91 19.14 -11.52
N ALA A 320 -16.52 20.14 -12.27
CA ALA A 320 -15.13 20.34 -12.57
C ALA A 320 -14.41 20.84 -11.35
N GLY A 321 -13.11 20.60 -11.27
CA GLY A 321 -12.31 21.11 -10.17
C GLY A 321 -11.52 20.07 -9.45
N GLN A 322 -10.86 20.51 -8.39
CA GLN A 322 -9.98 19.65 -7.56
C GLN A 322 -10.76 18.97 -6.41
N TYR A 323 -10.47 17.69 -6.20
CA TYR A 323 -11.11 16.89 -5.17
C TYR A 323 -10.02 16.29 -4.26
N MET A 324 -10.36 16.05 -2.99
CA MET A 324 -9.37 15.51 -2.05
C MET A 324 -10.04 14.69 -0.97
N GLY A 325 -9.32 13.70 -0.45
CA GLY A 325 -9.84 12.87 0.62
C GLY A 325 -8.67 12.27 1.38
N ASN A 326 -8.96 11.49 2.41
CA ASN A 326 -7.92 10.84 3.15
C ASN A 326 -8.24 9.36 3.36
N ILE A 327 -7.23 8.53 3.28
CA ILE A 327 -7.40 7.16 3.65
C ILE A 327 -6.54 6.91 4.87
N LYS A 328 -7.17 6.49 5.97
CA LYS A 328 -6.44 6.10 7.14
C LYS A 328 -6.30 4.59 7.13
N ILE A 329 -5.06 4.10 7.15
CA ILE A 329 -4.78 2.64 7.18
C ILE A 329 -4.35 2.28 8.57
N THR A 330 -5.06 1.34 9.20
CA THR A 330 -4.66 0.83 10.49
C THR A 330 -4.29 -0.61 10.33
N PHE A 331 -3.36 -1.08 11.15
CA PHE A 331 -2.81 -2.44 11.04
C PHE A 331 -2.44 -2.96 12.40
N THR A 332 -2.84 -4.20 12.66
CA THR A 332 -2.53 -4.88 13.91
C THR A 332 -2.12 -6.31 13.56
N PRO A 333 -0.86 -6.65 13.75
CA PRO A 333 -0.39 -8.03 13.53
C PRO A 333 -0.82 -8.88 14.72
N SER A 334 -1.13 -10.15 14.49
CA SER A 334 -1.59 -11.01 15.57
C SER A 334 -0.47 -11.41 16.50
N SER A 335 -0.61 -11.07 17.77
CA SER A 335 0.30 -11.57 18.80
C SER A 335 -0.61 -12.21 19.83
N GLN A 336 -0.89 -13.50 19.60
CA GLN A 336 -1.74 -14.28 20.48
C GLN A 336 -1.30 -14.06 21.93
N THR A 337 0.01 -14.09 22.13
CA THR A 337 0.61 -13.98 23.45
C THR A 337 0.17 -12.85 24.40
N LEU A 338 0.04 -11.60 23.88
CA LEU A 338 -0.39 -10.45 24.73
C LEU A 338 -0.63 -9.09 24.06
N ASP A 339 -1.90 -8.68 24.02
CA ASP A 339 -2.35 -7.31 23.60
C ASP A 339 -1.47 -6.53 22.60
N ASN A 340 -1.49 -6.92 21.32
CA ASN A 340 -0.64 -6.23 20.32
C ASN A 340 -1.28 -5.01 19.66
N LYS A 341 -0.80 -3.82 20.03
CA LYS A 341 -1.35 -2.54 19.55
C LYS A 341 -1.47 -2.24 18.03
N GLN A 342 -2.17 -1.14 17.74
CA GLN A 342 -2.48 -0.72 16.39
C GLN A 342 -1.55 0.39 15.88
N VAL A 343 -1.07 0.25 14.65
CA VAL A 343 -0.33 1.35 14.03
C VAL A 343 -1.09 1.90 12.82
N GLU A 344 -0.72 3.10 12.37
CA GLU A 344 -1.41 3.68 11.23
C GLU A 344 -0.55 4.41 10.20
N LYS A 345 -1.18 4.67 9.04
CA LYS A 345 -0.56 5.41 7.95
C LYS A 345 -1.69 6.16 7.23
N ASN A 346 -1.43 7.40 6.87
CA ASN A 346 -2.42 8.15 6.12
C ASN A 346 -1.98 8.36 4.68
N ILE A 347 -2.95 8.35 3.78
CA ILE A 347 -2.69 8.62 2.39
C ILE A 347 -3.65 9.69 1.90
N THR A 348 -3.12 10.82 1.43
CA THR A 348 -3.96 11.85 0.86
C THR A 348 -4.30 11.40 -0.57
N VAL A 349 -5.57 11.37 -0.92
CA VAL A 349 -5.99 11.03 -2.29
C VAL A 349 -6.60 12.25 -2.97
N THR A 350 -6.15 12.55 -4.17
CA THR A 350 -6.69 13.66 -4.91
C THR A 350 -7.18 13.18 -6.26
N ALA A 351 -7.89 14.05 -6.95
CA ALA A 351 -8.39 13.77 -8.31
C ALA A 351 -8.74 15.13 -8.87
N SER A 352 -8.80 15.19 -10.19
CA SER A 352 -9.01 16.43 -10.88
C SER A 352 -9.97 16.12 -12.00
N VAL A 353 -11.06 16.87 -12.09
CA VAL A 353 -12.02 16.68 -13.17
C VAL A 353 -11.89 17.86 -14.12
N ASP A 354 -11.66 17.57 -15.39
CA ASP A 354 -11.43 18.62 -16.41
C ASP A 354 -12.71 19.34 -16.78
N PRO A 355 -12.65 20.67 -16.85
CA PRO A 355 -13.78 21.48 -17.26
C PRO A 355 -14.22 21.04 -18.62
N VAL A 356 -15.52 20.92 -18.83
CA VAL A 356 -16.05 20.45 -20.10
C VAL A 356 -17.33 21.20 -20.47
N ILE A 357 -17.61 21.32 -21.77
CA ILE A 357 -18.81 22.02 -22.23
C ILE A 357 -19.37 21.39 -23.51
N ASP A 358 -20.68 21.28 -23.62
CA ASP A 358 -21.30 20.80 -24.86
C ASP A 358 -22.60 21.57 -25.11
N LEU A 359 -23.03 21.64 -26.38
CA LEU A 359 -24.31 22.28 -26.73
C LEU A 359 -25.25 21.22 -27.30
N LEU A 360 -26.37 20.98 -26.63
CA LEU A 360 -27.30 19.96 -27.07
C LEU A 360 -28.62 20.60 -27.38
N GLN A 361 -29.54 19.84 -27.97
CA GLN A 361 -30.90 20.35 -28.13
C GLN A 361 -31.50 20.35 -26.69
N ALA A 362 -32.62 21.05 -26.49
CA ALA A 362 -33.27 21.05 -25.15
C ALA A 362 -33.74 19.60 -24.82
N ASP A 363 -34.03 18.85 -25.90
CA ASP A 363 -34.34 17.40 -25.89
C ASP A 363 -33.30 16.59 -25.12
N GLY A 364 -32.03 16.98 -25.26
CA GLY A 364 -30.91 16.24 -24.70
C GLY A 364 -30.28 15.47 -25.84
N ASN A 365 -30.82 15.67 -27.03
CA ASN A 365 -30.34 15.03 -28.24
C ASN A 365 -29.30 15.91 -28.90
N ALA A 366 -28.37 15.30 -29.61
CA ALA A 366 -27.33 16.05 -30.28
C ALA A 366 -27.84 16.93 -31.44
N LEU A 367 -27.16 18.07 -31.63
CA LEU A 367 -27.44 18.98 -32.74
C LEU A 367 -27.12 18.30 -34.05
N PRO A 368 -27.94 18.54 -35.07
CA PRO A 368 -27.71 17.94 -36.39
C PRO A 368 -26.38 18.41 -36.96
N SER A 369 -25.83 17.60 -37.84
CA SER A 369 -24.58 17.96 -38.48
C SER A 369 -24.90 18.60 -39.84
N ALA A 370 -26.17 18.52 -40.24
CA ALA A 370 -26.61 19.12 -41.52
C ALA A 370 -28.04 19.66 -41.48
N VAL A 371 -28.22 20.83 -42.09
CA VAL A 371 -29.53 21.46 -42.18
C VAL A 371 -29.78 21.98 -43.62
N LYS A 372 -31.05 21.98 -44.03
CA LYS A 372 -31.40 22.41 -45.36
C LYS A 372 -32.53 23.43 -45.26
N LEU A 373 -32.22 24.67 -45.59
CA LEU A 373 -33.20 25.77 -45.53
C LEU A 373 -34.20 25.65 -46.68
N ALA A 374 -35.48 25.67 -46.36
CA ALA A 374 -36.51 25.54 -47.39
C ALA A 374 -36.64 26.87 -48.13
N TYR A 375 -36.76 26.80 -49.46
CA TYR A 375 -36.90 27.99 -50.30
C TYR A 375 -38.32 28.18 -50.81
N SER A 376 -38.75 29.43 -50.86
CA SER A 376 -40.07 29.75 -51.37
C SER A 376 -39.95 30.63 -52.61
N PRO A 377 -40.28 30.09 -53.78
CA PRO A 377 -40.29 30.87 -55.02
C PRO A 377 -41.33 32.01 -55.02
N ALA A 378 -42.30 31.98 -54.10
CA ALA A 378 -43.31 33.03 -54.04
C ALA A 378 -42.78 34.29 -53.33
N SER A 379 -42.18 34.08 -52.16
CA SER A 379 -41.64 35.20 -51.39
C SER A 379 -40.17 35.44 -51.69
N LYS A 380 -39.54 34.48 -52.36
CA LYS A 380 -38.10 34.56 -52.67
C LYS A 380 -37.28 34.64 -51.37
N THR A 381 -37.66 33.86 -50.37
CA THR A 381 -36.95 33.83 -49.10
C THR A 381 -36.71 32.41 -48.69
N PHE A 382 -35.78 32.23 -47.75
CA PHE A 382 -35.49 30.92 -47.18
C PHE A 382 -36.10 30.84 -45.79
N GLU A 383 -36.64 29.68 -45.44
CA GLU A 383 -37.14 29.52 -44.09
C GLU A 383 -35.93 29.30 -43.14
N SER A 384 -35.91 30.01 -42.02
CA SER A 384 -34.83 29.86 -41.03
C SER A 384 -34.93 28.53 -40.28
N TYR A 385 -33.76 27.97 -39.98
CA TYR A 385 -33.69 26.78 -39.14
C TYR A 385 -33.61 27.29 -37.71
N ARG A 386 -34.54 26.83 -36.87
CA ARG A 386 -34.62 27.24 -35.50
C ARG A 386 -34.64 26.03 -34.60
N VAL A 387 -33.85 26.08 -33.53
CA VAL A 387 -33.85 25.00 -32.58
C VAL A 387 -33.53 25.49 -31.15
N MET A 388 -34.29 24.99 -30.18
CA MET A 388 -34.00 25.27 -28.78
C MET A 388 -32.81 24.41 -28.36
N THR A 389 -31.79 25.05 -27.81
CA THR A 389 -30.60 24.34 -27.34
C THR A 389 -30.36 24.64 -25.89
N GLN A 390 -29.49 23.86 -25.28
CA GLN A 390 -29.11 24.06 -23.89
C GLN A 390 -27.66 23.70 -23.74
N VAL A 391 -26.89 24.56 -23.11
CA VAL A 391 -25.51 24.22 -22.86
C VAL A 391 -25.42 23.26 -21.68
N HIS A 392 -24.54 22.26 -21.80
CA HIS A 392 -24.33 21.27 -20.74
C HIS A 392 -22.91 21.43 -20.34
N THR A 393 -22.67 21.81 -19.09
CA THR A 393 -21.33 21.97 -18.62
C THR A 393 -21.14 21.47 -17.20
N ASN A 394 -19.89 21.15 -16.85
CA ASN A 394 -19.59 20.73 -15.50
C ASN A 394 -18.95 21.83 -14.68
N ASP A 395 -18.94 23.04 -15.25
CA ASP A 395 -18.45 24.20 -14.52
C ASP A 395 -19.39 25.37 -14.78
N ALA A 396 -20.56 25.32 -14.14
CA ALA A 396 -21.60 26.32 -14.34
C ALA A 396 -21.40 27.72 -13.71
N THR A 397 -20.27 27.99 -13.10
CA THR A 397 -20.05 29.30 -12.53
C THR A 397 -19.31 30.20 -13.53
N LYS A 398 -18.98 29.64 -14.70
CA LYS A 398 -18.18 30.36 -15.69
C LYS A 398 -18.94 30.97 -16.84
N LYS A 399 -18.35 32.01 -17.42
CA LYS A 399 -18.91 32.67 -18.62
C LYS A 399 -18.89 31.70 -19.76
N VAL A 400 -19.79 31.89 -20.71
CA VAL A 400 -19.81 31.11 -21.92
C VAL A 400 -19.56 32.10 -23.05
N ILE A 401 -18.48 31.87 -23.78
CA ILE A 401 -18.07 32.73 -24.86
C ILE A 401 -18.43 32.07 -26.18
N VAL A 402 -19.27 32.72 -26.96
CA VAL A 402 -19.78 32.15 -28.19
C VAL A 402 -19.40 32.96 -29.43
N LYS A 403 -18.95 32.26 -30.47
CA LYS A 403 -18.57 32.91 -31.70
C LYS A 403 -18.66 31.94 -32.88
N LEU A 404 -18.44 32.47 -34.09
CA LEU A 404 -18.38 31.63 -35.29
C LEU A 404 -16.92 31.55 -35.65
N ALA A 405 -16.48 30.42 -36.16
CA ALA A 405 -15.05 30.28 -36.51
C ALA A 405 -14.69 31.10 -37.74
N ASP A 406 -15.68 31.32 -38.59
CA ASP A 406 -15.51 32.09 -39.83
C ASP A 406 -16.88 32.67 -40.21
N THR A 407 -16.89 33.70 -41.05
CA THR A 407 -18.13 34.27 -41.52
C THR A 407 -18.71 33.26 -42.54
N PRO A 408 -19.87 32.68 -42.21
CA PRO A 408 -20.43 31.60 -43.02
C PRO A 408 -21.15 32.13 -44.31
N GLN A 409 -21.18 31.30 -45.35
CA GLN A 409 -21.78 31.69 -46.61
C GLN A 409 -22.35 30.51 -47.29
N LEU A 410 -23.49 30.71 -47.93
CA LEU A 410 -24.09 29.70 -48.79
C LEU A 410 -23.45 29.95 -50.14
N THR A 411 -22.63 29.03 -50.60
CA THR A 411 -21.95 29.19 -51.87
C THR A 411 -22.53 28.22 -52.92
N ASP A 412 -22.81 28.72 -54.13
CA ASP A 412 -23.31 27.89 -55.25
C ASP A 412 -22.32 26.76 -55.43
N VAL A 413 -22.82 25.54 -55.40
CA VAL A 413 -21.97 24.34 -55.53
C VAL A 413 -21.12 24.35 -56.81
N LEU A 414 -21.67 24.92 -57.87
CA LEU A 414 -20.97 24.95 -59.14
C LEU A 414 -20.38 26.31 -59.48
N ASN A 415 -20.56 27.29 -58.60
CA ASN A 415 -19.97 28.60 -58.85
C ASN A 415 -19.47 29.37 -57.63
N SER A 416 -18.17 29.23 -57.37
CA SER A 416 -17.48 29.85 -56.24
C SER A 416 -17.84 31.34 -55.95
N THR A 417 -18.07 32.13 -57.01
CA THR A 417 -18.37 33.56 -56.83
C THR A 417 -19.84 33.86 -56.49
N VAL A 418 -20.72 32.87 -56.65
CA VAL A 418 -22.14 33.09 -56.32
C VAL A 418 -22.41 32.69 -54.88
N GLN A 419 -22.71 33.68 -54.03
CA GLN A 419 -22.90 33.43 -52.58
C GLN A 419 -24.00 34.26 -51.91
N MET A 420 -24.64 33.66 -50.89
CA MET A 420 -25.64 34.35 -50.03
C MET A 420 -25.14 34.27 -48.58
N PRO A 421 -25.21 35.38 -47.84
CA PRO A 421 -24.77 35.39 -46.44
C PRO A 421 -25.67 34.52 -45.54
N ILE A 422 -25.05 33.77 -44.64
CA ILE A 422 -25.77 33.01 -43.66
C ILE A 422 -25.71 33.83 -42.36
N SER A 423 -26.85 34.00 -41.71
CA SER A 423 -26.87 34.71 -40.46
C SER A 423 -27.18 33.70 -39.35
N VAL A 424 -26.43 33.80 -38.26
CA VAL A 424 -26.60 32.90 -37.13
C VAL A 424 -26.87 33.69 -35.85
N SER A 425 -27.81 33.25 -35.07
CA SER A 425 -28.03 33.88 -33.79
C SER A 425 -28.26 32.82 -32.73
N TRP A 426 -27.87 33.12 -31.49
CA TRP A 426 -27.99 32.17 -30.41
C TRP A 426 -28.37 32.85 -29.12
N GLY A 427 -29.34 32.29 -28.42
CA GLY A 427 -29.76 32.85 -27.15
C GLY A 427 -30.19 34.29 -27.26
N GLY A 428 -30.74 34.64 -28.41
CA GLY A 428 -31.19 36.01 -28.67
C GLY A 428 -30.05 36.96 -29.11
N GLN A 429 -28.88 36.41 -29.48
CA GLN A 429 -27.75 37.26 -29.89
C GLN A 429 -27.24 36.90 -31.28
N VAL A 430 -27.09 37.91 -32.13
CA VAL A 430 -26.53 37.70 -33.46
C VAL A 430 -25.03 37.36 -33.32
N LEU A 431 -24.61 36.23 -33.88
CA LEU A 431 -23.19 35.84 -33.79
C LEU A 431 -22.30 36.29 -34.95
N SER A 432 -21.00 36.28 -34.71
CA SER A 432 -20.02 36.67 -35.70
C SER A 432 -18.67 36.13 -35.26
N THR A 433 -17.61 36.44 -36.01
CA THR A 433 -16.27 36.00 -35.63
C THR A 433 -15.77 36.75 -34.43
N THR A 434 -16.55 37.73 -33.99
CA THR A 434 -16.25 38.48 -32.77
C THR A 434 -17.13 37.85 -31.71
N ALA A 435 -16.49 37.28 -30.71
CA ALA A 435 -17.19 36.59 -29.65
C ALA A 435 -18.14 37.48 -28.83
N LYS A 436 -19.20 36.86 -28.33
CA LYS A 436 -20.10 37.50 -27.38
C LYS A 436 -20.07 36.66 -26.11
N GLU A 437 -20.31 37.30 -24.97
CA GLU A 437 -20.23 36.62 -23.68
C GLU A 437 -21.58 36.51 -22.99
N PHE A 438 -21.86 35.32 -22.45
CA PHE A 438 -23.06 35.10 -21.70
C PHE A 438 -22.67 34.79 -20.24
N GLU A 439 -23.03 35.68 -19.32
CA GLU A 439 -22.74 35.45 -17.91
C GLU A 439 -23.51 34.22 -17.47
N ALA A 440 -22.94 33.46 -16.56
CA ALA A 440 -23.58 32.24 -16.05
C ALA A 440 -24.89 32.52 -15.32
N ALA A 441 -24.99 33.71 -14.72
CA ALA A 441 -26.21 34.11 -14.02
C ALA A 441 -27.38 34.31 -14.99
N ALA A 442 -27.10 34.74 -16.21
CA ALA A 442 -28.14 34.99 -17.21
C ALA A 442 -28.38 33.80 -18.13
N LEU A 443 -27.90 32.62 -17.73
CA LEU A 443 -28.08 31.43 -18.54
C LEU A 443 -29.12 30.51 -17.95
N GLY A 444 -29.60 30.88 -16.77
CA GLY A 444 -30.66 30.19 -16.08
C GLY A 444 -30.35 28.80 -15.62
N TYR A 445 -29.21 28.62 -14.97
CA TYR A 445 -28.82 27.32 -14.46
C TYR A 445 -29.71 26.86 -13.33
N SER A 446 -29.96 25.57 -13.28
CA SER A 446 -30.85 24.99 -12.28
C SER A 446 -30.15 24.35 -11.06
N ALA A 447 -30.19 25.05 -9.93
CA ALA A 447 -29.61 24.56 -8.70
C ALA A 447 -30.48 23.41 -8.22
N SER A 448 -31.78 23.52 -8.51
CA SER A 448 -32.76 22.50 -8.16
C SER A 448 -32.83 21.35 -9.18
N GLY A 449 -32.83 21.68 -10.49
CA GLY A 449 -32.88 20.67 -11.55
C GLY A 449 -31.64 19.77 -11.65
N VAL A 450 -30.93 19.87 -12.77
CA VAL A 450 -29.69 19.09 -12.97
C VAL A 450 -28.51 20.06 -13.05
N ASN A 451 -27.37 19.67 -12.47
CA ASN A 451 -26.19 20.51 -12.50
C ASN A 451 -25.67 20.83 -13.90
N GLY A 452 -25.41 22.11 -14.14
CA GLY A 452 -24.78 22.54 -15.38
C GLY A 452 -25.59 22.56 -16.65
N VAL A 453 -26.88 22.28 -16.56
CA VAL A 453 -27.75 22.32 -17.73
C VAL A 453 -28.40 23.69 -17.78
N SER A 454 -28.12 24.40 -18.86
CA SER A 454 -28.64 25.74 -19.14
C SER A 454 -30.16 25.77 -19.28
N SER A 455 -30.75 26.96 -19.20
CA SER A 455 -32.15 27.11 -19.56
C SER A 455 -32.14 27.22 -21.11
N SER A 456 -33.25 26.88 -21.76
CA SER A 456 -33.29 26.90 -23.23
C SER A 456 -32.88 28.20 -23.93
N GLN A 457 -32.09 28.04 -24.97
CA GLN A 457 -31.61 29.17 -25.73
C GLN A 457 -31.84 28.80 -27.21
N GLU A 458 -32.41 29.72 -27.98
CA GLU A 458 -32.77 29.42 -29.36
C GLU A 458 -31.62 29.60 -30.32
N LEU A 459 -31.38 28.57 -31.15
CA LEU A 459 -30.39 28.66 -32.21
C LEU A 459 -31.17 28.96 -33.49
N VAL A 460 -30.72 29.93 -34.28
CA VAL A 460 -31.40 30.31 -35.51
C VAL A 460 -30.40 30.48 -36.64
N ILE A 461 -30.53 29.65 -37.67
CA ILE A 461 -29.65 29.77 -38.83
C ILE A 461 -30.50 30.23 -40.00
N SER A 462 -30.12 31.35 -40.60
CA SER A 462 -30.86 31.85 -41.73
C SER A 462 -29.96 32.33 -42.85
N ALA A 463 -30.56 32.53 -44.01
CA ALA A 463 -29.86 33.00 -45.18
C ALA A 463 -30.83 33.84 -45.96
N ALA A 464 -30.28 34.72 -46.79
CA ALA A 464 -31.08 35.64 -47.63
C ALA A 464 -30.22 36.06 -48.81
N PRO A 465 -30.84 36.41 -49.94
CA PRO A 465 -30.09 36.87 -51.10
C PRO A 465 -29.10 37.98 -50.68
N SER A 466 -27.94 37.98 -51.31
CA SER A 466 -26.91 38.95 -51.01
C SER A 466 -27.43 40.42 -51.06
N THR A 467 -28.17 40.75 -52.11
CA THR A 467 -28.69 42.10 -52.29
C THR A 467 -30.21 42.13 -52.04
N ALA A 468 -30.65 42.86 -51.03
CA ALA A 468 -32.09 42.92 -50.73
C ALA A 468 -32.98 43.44 -51.89
N GLY A 469 -34.09 42.74 -52.10
CA GLY A 469 -35.00 43.08 -53.16
C GLY A 469 -34.71 42.29 -54.42
N THR A 470 -33.67 41.45 -54.36
CA THR A 470 -33.28 40.63 -55.51
C THR A 470 -33.53 39.15 -55.21
N ALA A 471 -33.71 38.37 -56.26
CA ALA A 471 -34.01 36.96 -56.12
C ALA A 471 -32.73 36.18 -56.15
N PRO A 472 -32.66 35.11 -55.38
CA PRO A 472 -31.48 34.26 -55.37
C PRO A 472 -31.27 33.67 -56.75
N THR A 473 -30.01 33.64 -57.18
CA THR A 473 -29.62 33.02 -58.43
C THR A 473 -29.96 31.54 -58.31
N ALA A 474 -30.51 30.97 -59.36
CA ALA A 474 -30.85 29.54 -59.38
C ALA A 474 -29.61 28.63 -59.23
N GLY A 475 -29.76 27.53 -58.50
CA GLY A 475 -28.68 26.56 -58.34
C GLY A 475 -28.72 25.84 -56.99
N ASN A 476 -27.69 25.05 -56.72
CA ASN A 476 -27.60 24.36 -55.43
C ASN A 476 -26.57 25.07 -54.56
N TYR A 477 -26.89 25.27 -53.28
CA TYR A 477 -26.01 26.01 -52.37
C TYR A 477 -25.56 25.20 -51.15
N SER A 478 -24.34 25.46 -50.70
CA SER A 478 -23.80 24.78 -49.52
C SER A 478 -22.88 25.73 -48.74
N GLY A 479 -22.80 25.54 -47.43
CA GLY A 479 -21.95 26.35 -46.59
C GLY A 479 -21.88 25.75 -45.21
N VAL A 480 -20.84 26.09 -44.45
CA VAL A 480 -20.67 25.52 -43.12
C VAL A 480 -20.79 26.55 -42.01
N VAL A 481 -21.71 26.32 -41.06
CA VAL A 481 -21.77 27.17 -39.88
C VAL A 481 -20.95 26.49 -38.78
N SER A 482 -19.85 27.12 -38.36
CA SER A 482 -19.00 26.60 -37.28
C SER A 482 -19.24 27.36 -35.99
N LEU A 483 -20.03 26.76 -35.10
CA LEU A 483 -20.39 27.37 -33.83
C LEU A 483 -19.39 26.93 -32.75
N VAL A 484 -18.62 27.88 -32.23
CA VAL A 484 -17.61 27.64 -31.22
C VAL A 484 -18.04 28.23 -29.88
N MET A 485 -18.02 27.38 -28.86
CA MET A 485 -18.48 27.77 -27.53
C MET A 485 -17.36 27.52 -26.52
N THR A 486 -16.95 28.57 -25.82
CA THR A 486 -15.84 28.47 -24.87
C THR A 486 -16.26 28.79 -23.41
N LEU A 487 -15.68 28.08 -22.44
CA LEU A 487 -15.88 28.44 -21.02
C LEU A 487 -14.95 29.63 -20.70
N GLY A 488 -14.96 30.13 -19.49
CA GLY A 488 -14.15 31.31 -19.25
C GLY A 488 -13.04 31.08 -18.27
N SER A 489 -11.81 31.38 -18.67
CA SER A 489 -10.61 31.18 -17.82
C SER A 489 -10.26 29.68 -17.79
N ASP A 490 -11.26 28.85 -18.08
CA ASP A 490 -11.06 27.44 -18.31
C ASP A 490 -10.94 27.49 -19.80
N ASN A 491 -9.76 27.21 -20.31
CA ASN A 491 -9.59 27.32 -21.74
C ASN A 491 -10.03 26.07 -22.49
N LYS A 492 -11.31 25.74 -22.38
CA LYS A 492 -11.87 24.60 -23.10
C LYS A 492 -13.01 25.08 -23.97
N GLN A 493 -13.31 24.31 -25.00
CA GLN A 493 -14.32 24.70 -25.94
C GLN A 493 -14.91 23.57 -26.71
N VAL A 494 -16.02 23.86 -27.33
CA VAL A 494 -16.68 22.90 -28.18
C VAL A 494 -16.99 23.58 -29.54
N GLU A 495 -16.94 22.79 -30.60
CA GLU A 495 -17.20 23.33 -31.92
C GLU A 495 -18.25 22.50 -32.58
N LYS A 496 -19.36 23.12 -32.98
CA LYS A 496 -20.40 22.40 -33.71
C LYS A 496 -20.40 22.90 -35.14
N ASN A 497 -20.11 21.99 -36.05
CA ASN A 497 -20.10 22.31 -37.46
C ASN A 497 -21.42 21.81 -38.05
N ILE A 498 -22.21 22.73 -38.59
CA ILE A 498 -23.46 22.38 -39.24
C ILE A 498 -23.35 22.73 -40.74
N THR A 499 -23.50 21.71 -41.59
CA THR A 499 -23.50 21.91 -43.03
C THR A 499 -24.89 22.42 -43.42
N VAL A 500 -24.94 23.60 -44.05
CA VAL A 500 -26.19 24.22 -44.42
C VAL A 500 -26.39 24.16 -45.93
N THR A 501 -27.54 23.67 -46.36
CA THR A 501 -27.84 23.59 -47.80
C THR A 501 -29.14 24.25 -48.19
N ALA A 502 -29.26 24.54 -49.49
CA ALA A 502 -30.44 25.17 -50.05
C ALA A 502 -30.42 25.00 -51.56
N SER A 503 -31.61 24.98 -52.16
CA SER A 503 -31.74 24.85 -53.62
C SER A 503 -32.76 25.82 -54.17
N VAL A 504 -32.37 26.54 -55.21
CA VAL A 504 -33.25 27.47 -55.90
C VAL A 504 -33.42 26.99 -57.35
N ASP A 505 -34.62 26.50 -57.68
CA ASP A 505 -34.92 26.03 -59.04
C ASP A 505 -34.96 27.21 -60.00
N PRO A 506 -34.70 26.96 -61.29
CA PRO A 506 -34.83 28.00 -62.32
C PRO A 506 -36.30 28.46 -62.50
N VAL A 507 -36.47 29.66 -63.05
CA VAL A 507 -37.80 30.27 -63.25
C VAL A 507 -38.72 29.56 -64.29
N ILE A 508 -38.12 28.97 -65.32
CA ILE A 508 -38.86 28.19 -66.37
C ILE A 508 -39.83 29.02 -67.24
NA NA B . 35.07 -43.20 49.43
S SO4 C . 40.58 -42.25 31.49
O1 SO4 C . 40.12 -41.30 32.49
O2 SO4 C . 42.00 -42.53 31.75
O3 SO4 C . 39.79 -43.47 31.55
O4 SO4 C . 40.43 -41.66 30.16
S SO4 D . -38.26 32.74 -40.57
O1 SO4 D . -39.00 32.18 -39.42
O2 SO4 D . -37.75 31.64 -41.42
O3 SO4 D . -39.16 33.56 -41.37
O4 SO4 D . -37.15 33.54 -40.07
S SO4 E . -15.20 33.55 -15.97
O1 SO4 E . -16.02 32.53 -15.34
O2 SO4 E . -13.78 33.36 -15.62
O3 SO4 E . -15.32 33.43 -17.43
O4 SO4 E . -15.66 34.88 -15.54
#